data_8Q2R
#
_entry.id   8Q2R
#
_cell.length_a   40.010
_cell.length_b   103.520
_cell.length_c   41.900
_cell.angle_alpha   90.000
_cell.angle_beta   104.570
_cell.angle_gamma   90.000
#
_symmetry.space_group_name_H-M   'P 1 21 1'
#
loop_
_entity.id
_entity.type
_entity.pdbx_description
1 polymer 'YTH domain-containing protein 1'
2 non-polymer 5-chloranyl-~{N},3-dimethyl-1~{H}-pyrazolo[4,3-d]pyrimidin-7-amine
3 non-polymer 'SULFATE ION'
4 water water
#
_entity_poly.entity_id   1
_entity_poly.type   'polypeptide(L)'
_entity_poly.pdbx_seq_one_letter_code
;GTSKLKYVLQDARFFLIKSNNHENVSLAKAKGVWSTLPVNEKKLNLAFRSARSVILIFSVRESGKFQGFARLSSESHHGG
SPIHWVLPAGMSAKMLGGVFKIDWICRRELPFTKSAHLTNPWNEHKPVKIGRDGQEIELECGTQLCLLFPPDESIDLYQV
IHKMRH
;
_entity_poly.pdbx_strand_id   A,B
#
loop_
_chem_comp.id
_chem_comp.type
_chem_comp.name
_chem_comp.formula
ITJ non-polymer 5-chloranyl-~{N},3-dimethyl-1~{H}-pyrazolo[4,3-d]pyrimidin-7-amine 'C7 H8 Cl N5'
SO4 non-polymer 'SULFATE ION' 'O4 S -2'
#
# COMPACT_ATOMS: atom_id res chain seq x y z
N GLY A 1 -3.33 0.91 -6.32
CA GLY A 1 -3.36 2.35 -6.28
C GLY A 1 -2.10 2.98 -5.69
N THR A 2 -2.03 4.31 -5.75
CA THR A 2 -0.85 5.04 -5.31
C THR A 2 -1.08 5.82 -4.02
N SER A 3 -2.28 5.76 -3.44
CA SER A 3 -2.58 6.60 -2.28
C SER A 3 -1.75 6.20 -1.06
N LYS A 4 -1.68 4.91 -0.74
CA LYS A 4 -0.86 4.51 0.40
C LYS A 4 0.61 4.81 0.16
N LEU A 5 1.06 4.64 -1.09
CA LEU A 5 2.44 4.98 -1.42
C LEU A 5 2.70 6.45 -1.14
N LYS A 6 1.80 7.33 -1.58
CA LYS A 6 2.00 8.76 -1.34
C LYS A 6 2.00 9.06 0.15
N TYR A 7 1.16 8.37 0.92
CA TYR A 7 1.16 8.58 2.37
C TYR A 7 2.51 8.20 2.99
N VAL A 8 3.12 7.10 2.52
CA VAL A 8 4.40 6.68 3.07
C VAL A 8 5.50 7.68 2.71
N LEU A 9 5.45 8.21 1.48
CA LEU A 9 6.44 9.18 0.98
C LEU A 9 6.24 10.58 1.56
N GLN A 10 5.17 10.78 2.31
CA GLN A 10 4.86 12.07 2.91
C GLN A 10 5.98 12.50 3.84
N ASP A 11 6.60 13.64 3.55
CA ASP A 11 7.67 14.21 4.37
C ASP A 11 8.86 13.28 4.54
N ALA A 12 9.00 12.30 3.65
CA ALA A 12 10.14 11.40 3.72
C ALA A 12 11.44 12.14 3.38
N ARG A 13 12.55 11.53 3.78
CA ARG A 13 13.86 11.85 3.20
C ARG A 13 14.31 10.70 2.30
N PHE A 14 15.08 11.06 1.27
CA PHE A 14 15.45 10.13 0.22
C PHE A 14 16.96 10.14 0.05
N PHE A 15 17.54 8.94 -0.11
CA PHE A 15 18.97 8.80 -0.33
C PHE A 15 19.26 7.84 -1.47
N LEU A 16 20.16 8.23 -2.35
CA LEU A 16 20.61 7.38 -3.43
C LEU A 16 21.58 6.35 -2.87
N ILE A 17 21.32 5.07 -3.12
CA ILE A 17 22.24 4.01 -2.75
C ILE A 17 22.86 3.46 -4.01
N LYS A 18 24.18 3.41 -4.07
CA LYS A 18 24.89 2.88 -5.22
C LYS A 18 25.59 1.61 -4.77
N SER A 19 25.32 0.50 -5.45
CA SER A 19 25.92 -0.77 -5.11
C SER A 19 26.86 -1.19 -6.23
N ASN A 20 28.05 -1.65 -5.86
CA ASN A 20 29.01 -2.05 -6.90
C ASN A 20 28.65 -3.37 -7.59
N ASN A 21 27.73 -4.16 -7.05
CA ASN A 21 27.33 -5.39 -7.72
C ASN A 21 25.85 -5.67 -7.47
N HIS A 22 25.30 -6.54 -8.31
CA HIS A 22 23.90 -6.94 -8.20
C HIS A 22 23.66 -7.86 -7.02
N GLU A 23 24.66 -8.66 -6.65
CA GLU A 23 24.45 -9.72 -5.67
C GLU A 23 24.00 -9.15 -4.33
N ASN A 24 24.53 -7.97 -3.95
CA ASN A 24 24.19 -7.43 -2.65
C ASN A 24 22.81 -6.79 -2.67
N VAL A 25 22.40 -6.23 -3.81
CA VAL A 25 21.03 -5.74 -3.90
C VAL A 25 20.06 -6.90 -3.88
N SER A 26 20.42 -8.02 -4.52
CA SER A 26 19.60 -9.22 -4.44
C SER A 26 19.52 -9.73 -3.00
N LEU A 27 20.66 -9.76 -2.31
CA LEU A 27 20.66 -10.21 -0.92
C LEU A 27 19.79 -9.29 -0.07
N ALA A 28 19.84 -7.99 -0.36
CA ALA A 28 19.06 -7.01 0.41
C ALA A 28 17.56 -7.20 0.21
N LYS A 29 17.15 -7.52 -1.02
CA LYS A 29 15.74 -7.78 -1.30
C LYS A 29 15.27 -9.06 -0.61
N ALA A 30 16.17 -10.05 -0.50
CA ALA A 30 15.80 -11.33 0.09
C ALA A 30 15.73 -11.25 1.61
N LYS A 31 16.66 -10.51 2.23
CA LYS A 31 16.81 -10.52 3.68
C LYS A 31 16.27 -9.27 4.36
N GLY A 32 15.93 -8.23 3.60
CA GLY A 32 15.43 -7.00 4.20
C GLY A 32 16.47 -6.24 4.97
N VAL A 33 17.71 -6.20 4.47
CA VAL A 33 18.83 -5.55 5.16
C VAL A 33 19.64 -4.74 4.17
N TRP A 34 20.33 -3.73 4.70
CA TRP A 34 21.33 -3.03 3.91
C TRP A 34 22.48 -2.59 4.82
N SER A 35 23.67 -2.57 4.25
CA SER A 35 24.88 -2.04 4.89
C SER A 35 25.59 -1.09 3.94
N THR A 36 26.21 -0.07 4.50
CA THR A 36 26.90 0.93 3.70
C THR A 36 28.19 1.32 4.41
N LEU A 37 28.97 2.18 3.75
CA LEU A 37 30.23 2.65 4.32
C LEU A 37 29.96 3.55 5.52
N PRO A 38 30.93 3.70 6.43
CA PRO A 38 30.66 4.45 7.68
C PRO A 38 30.19 5.87 7.47
N VAL A 39 30.72 6.58 6.46
CA VAL A 39 30.29 7.96 6.24
C VAL A 39 28.80 8.02 5.94
N ASN A 40 28.29 7.07 5.15
CA ASN A 40 26.86 7.04 4.86
C ASN A 40 26.06 6.45 5.99
N GLU A 41 26.63 5.49 6.72
CA GLU A 41 25.92 4.93 7.87
C GLU A 41 25.59 6.00 8.90
N LYS A 42 26.55 6.90 9.15
CA LYS A 42 26.28 7.99 10.08
C LYS A 42 25.14 8.86 9.58
N LYS A 43 25.12 9.18 8.28
CA LYS A 43 24.08 10.04 7.75
C LYS A 43 22.71 9.40 7.86
N LEU A 44 22.62 8.11 7.55
CA LEU A 44 21.33 7.43 7.58
C LEU A 44 20.81 7.27 9.01
N ASN A 45 21.70 7.06 9.97
CA ASN A 45 21.27 6.98 11.36
C ASN A 45 20.70 8.31 11.82
N LEU A 46 21.37 9.42 11.47
CA LEU A 46 20.82 10.75 11.77
C LEU A 46 19.46 10.96 11.10
N ALA A 47 19.36 10.61 9.82
CA ALA A 47 18.12 10.81 9.10
C ALA A 47 16.99 9.97 9.69
N PHE A 48 17.31 8.75 10.11
CA PHE A 48 16.26 7.85 10.61
C PHE A 48 15.56 8.45 11.82
N ARG A 49 16.29 9.19 12.65
CA ARG A 49 15.65 9.80 13.82
C ARG A 49 14.89 11.07 13.48
N SER A 50 15.16 11.67 12.32
CA SER A 50 14.71 13.01 11.99
C SER A 50 13.50 13.05 11.08
N ALA A 51 13.10 11.91 10.52
CA ALA A 51 12.06 11.91 9.49
C ALA A 51 11.11 10.76 9.73
N ARG A 52 9.84 10.97 9.36
CA ARG A 52 8.85 9.90 9.46
C ARG A 52 9.23 8.70 8.62
N SER A 53 9.89 8.91 7.48
CA SER A 53 10.30 7.84 6.59
C SER A 53 11.65 8.22 5.99
N VAL A 54 12.58 7.28 5.96
CA VAL A 54 13.83 7.44 5.21
C VAL A 54 13.81 6.41 4.10
N ILE A 55 13.87 6.87 2.85
CA ILE A 55 13.73 5.99 1.68
C ILE A 55 15.10 5.82 1.05
N LEU A 56 15.51 4.59 0.82
CA LEU A 56 16.73 4.27 0.07
C LEU A 56 16.33 3.88 -1.34
N ILE A 57 16.90 4.58 -2.33
CA ILE A 57 16.63 4.31 -3.74
C ILE A 57 17.87 3.67 -4.34
N PHE A 58 17.76 2.44 -4.82
CA PHE A 58 18.91 1.60 -5.12
C PHE A 58 19.29 1.65 -6.59
N SER A 59 20.60 1.72 -6.87
CA SER A 59 21.08 1.62 -8.25
C SER A 59 22.39 0.85 -8.26
N VAL A 60 22.41 -0.28 -8.99
CA VAL A 60 23.64 -1.01 -9.21
C VAL A 60 24.51 -0.28 -10.23
N ARG A 61 25.78 -0.11 -9.90
CA ARG A 61 26.70 0.61 -10.78
C ARG A 61 26.78 -0.07 -12.14
N GLU A 62 26.73 0.75 -13.19
CA GLU A 62 26.82 0.37 -14.59
C GLU A 62 25.59 -0.37 -15.09
N SER A 63 24.53 -0.48 -14.29
CA SER A 63 23.32 -1.12 -14.78
C SER A 63 22.42 -0.17 -15.56
N GLY A 64 22.64 1.14 -15.46
CA GLY A 64 21.76 2.08 -16.12
C GLY A 64 20.34 2.11 -15.60
N LYS A 65 20.09 1.56 -14.40
CA LYS A 65 18.75 1.47 -13.84
C LYS A 65 18.81 1.65 -12.34
N PHE A 66 17.66 1.99 -11.77
CA PHE A 66 17.40 1.80 -10.35
C PHE A 66 16.75 0.44 -10.18
N GLN A 67 17.06 -0.24 -9.08
CA GLN A 67 16.49 -1.57 -8.88
C GLN A 67 15.36 -1.59 -7.87
N GLY A 68 14.92 -0.44 -7.37
CA GLY A 68 13.80 -0.40 -6.46
C GLY A 68 14.04 0.55 -5.30
N PHE A 69 13.11 0.61 -4.34
CA PHE A 69 13.34 1.47 -3.19
C PHE A 69 12.70 0.87 -1.95
N ALA A 70 13.22 1.29 -0.80
CA ALA A 70 12.89 0.68 0.48
C ALA A 70 12.93 1.74 1.57
N ARG A 71 12.22 1.46 2.67
CA ARG A 71 12.16 2.35 3.82
C ARG A 71 13.01 1.79 4.96
N LEU A 72 13.87 2.63 5.55
CA LEU A 72 14.56 2.19 6.77
C LEU A 72 13.56 1.87 7.87
N SER A 73 13.71 0.72 8.49
CA SER A 73 12.89 0.39 9.64
C SER A 73 13.68 0.36 10.92
N SER A 74 15.00 0.60 10.86
CA SER A 74 15.83 0.67 12.06
C SER A 74 17.09 1.47 11.76
N GLU A 75 17.76 1.91 12.84
CA GLU A 75 19.12 2.38 12.75
C GLU A 75 20.04 1.18 12.52
N SER A 76 21.32 1.45 12.27
CA SER A 76 22.24 0.34 12.03
C SER A 76 22.56 -0.37 13.34
N HIS A 77 22.71 -1.70 13.26
CA HIS A 77 23.08 -2.50 14.42
C HIS A 77 24.17 -3.49 14.02
N HIS A 78 25.03 -3.81 14.98
CA HIS A 78 26.16 -4.72 14.77
C HIS A 78 25.92 -6.03 15.49
N GLY A 79 26.48 -7.11 14.92
CA GLY A 79 26.56 -8.38 15.60
C GLY A 79 25.33 -9.27 15.51
N GLY A 80 24.42 -9.01 14.58
CA GLY A 80 23.22 -9.82 14.49
C GLY A 80 23.39 -11.05 13.62
N SER A 81 24.33 -10.99 12.69
CA SER A 81 24.53 -12.01 11.66
C SER A 81 25.66 -11.57 10.75
N PRO A 82 26.35 -12.51 10.10
CA PRO A 82 27.41 -12.10 9.17
C PRO A 82 26.91 -12.07 7.74
N ILE A 83 26.15 -11.03 7.39
CA ILE A 83 25.53 -10.94 6.07
C ILE A 83 26.58 -11.22 5.01
N HIS A 84 26.40 -12.31 4.27
CA HIS A 84 27.38 -12.73 3.28
C HIS A 84 27.38 -11.79 2.08
N TRP A 85 27.70 -10.52 2.31
CA TRP A 85 27.85 -9.59 1.20
C TRP A 85 28.96 -10.08 0.27
N VAL A 86 28.75 -9.88 -1.03
CA VAL A 86 29.82 -10.11 -2.00
C VAL A 86 30.68 -8.85 -2.04
N LEU A 87 31.92 -8.95 -1.60
CA LEU A 87 32.76 -7.77 -1.42
C LEU A 87 33.59 -7.53 -2.67
N PRO A 88 33.52 -6.33 -3.26
CA PRO A 88 34.44 -5.98 -4.36
C PRO A 88 35.79 -5.47 -3.85
N ALA A 89 36.61 -4.97 -4.78
CA ALA A 89 37.96 -4.55 -4.44
C ALA A 89 37.94 -3.39 -3.45
N GLY A 90 38.83 -3.46 -2.47
CA GLY A 90 38.97 -2.40 -1.49
C GLY A 90 37.97 -2.45 -0.37
N MET A 91 36.80 -3.05 -0.62
CA MET A 91 35.75 -3.11 0.39
C MET A 91 35.82 -4.41 1.18
N SER A 92 35.70 -4.28 2.51
CA SER A 92 35.84 -5.39 3.43
C SER A 92 34.64 -5.43 4.38
N ALA A 93 34.51 -6.56 5.08
CA ALA A 93 33.32 -6.80 5.88
C ALA A 93 33.23 -5.89 7.09
N LYS A 94 34.38 -5.41 7.60
CA LYS A 94 34.35 -4.48 8.73
C LYS A 94 33.78 -3.13 8.30
N MET A 95 34.00 -2.73 7.05
CA MET A 95 33.49 -1.44 6.60
C MET A 95 31.98 -1.48 6.45
N LEU A 96 31.46 -2.58 5.91
CA LEU A 96 30.03 -2.82 5.76
C LEU A 96 29.43 -3.46 7.00
N GLY A 97 29.92 -3.08 8.19
CA GLY A 97 29.62 -3.83 9.39
C GLY A 97 28.22 -3.54 9.92
N GLY A 98 27.81 -2.28 9.94
CA GLY A 98 26.49 -1.95 10.47
C GLY A 98 25.40 -2.39 9.50
N VAL A 99 24.36 -3.02 10.04
CA VAL A 99 23.24 -3.53 9.25
C VAL A 99 22.00 -2.73 9.62
N PHE A 100 21.35 -2.19 8.59
CA PHE A 100 20.05 -1.55 8.71
C PHE A 100 18.98 -2.55 8.32
N LYS A 101 17.83 -2.51 9.00
CA LYS A 101 16.67 -3.25 8.53
C LYS A 101 15.84 -2.35 7.63
N ILE A 102 15.35 -2.91 6.53
CA ILE A 102 14.62 -2.14 5.53
C ILE A 102 13.37 -2.91 5.11
N ASP A 103 12.28 -2.18 4.87
CA ASP A 103 11.08 -2.74 4.26
C ASP A 103 11.03 -2.27 2.82
N TRP A 104 10.94 -3.23 1.89
CA TRP A 104 10.89 -2.86 0.49
C TRP A 104 9.54 -2.26 0.14
N ILE A 105 9.57 -1.17 -0.62
CA ILE A 105 8.31 -0.57 -1.07
C ILE A 105 8.12 -0.95 -2.52
N CYS A 106 9.22 -1.12 -3.25
CA CYS A 106 9.15 -1.51 -4.66
C CYS A 106 10.40 -2.28 -5.01
N ARG A 107 10.27 -3.50 -5.52
CA ARG A 107 11.41 -4.28 -5.97
C ARG A 107 11.55 -4.28 -7.49
N ARG A 108 10.76 -3.45 -8.17
CA ARG A 108 10.79 -3.33 -9.62
C ARG A 108 11.85 -2.34 -10.08
N GLU A 109 12.34 -2.55 -11.31
CA GLU A 109 13.36 -1.69 -11.92
C GLU A 109 12.76 -0.42 -12.51
N LEU A 110 13.58 0.62 -12.59
CA LEU A 110 13.26 1.81 -13.36
C LEU A 110 14.53 2.20 -14.18
N PRO A 111 14.48 2.22 -15.49
CA PRO A 111 15.67 2.63 -16.24
C PRO A 111 15.93 4.12 -16.11
N PHE A 112 17.22 4.49 -16.15
CA PHE A 112 17.60 5.89 -16.03
C PHE A 112 16.95 6.77 -17.10
N THR A 113 16.64 6.22 -18.27
CA THR A 113 16.03 7.03 -19.30
C THR A 113 14.69 7.59 -18.87
N LYS A 114 13.99 6.91 -17.95
CA LYS A 114 12.68 7.35 -17.50
C LYS A 114 12.73 8.46 -16.45
N SER A 115 13.89 8.70 -15.84
CA SER A 115 14.00 9.75 -14.83
C SER A 115 14.79 10.94 -15.35
N ALA A 116 15.00 11.02 -16.67
CA ALA A 116 15.83 12.07 -17.26
C ALA A 116 15.31 13.47 -16.98
N HIS A 117 14.03 13.60 -16.63
CA HIS A 117 13.39 14.89 -16.40
C HIS A 117 13.46 15.34 -14.94
N LEU A 118 14.09 14.58 -14.06
CA LEU A 118 14.14 14.87 -12.63
C LEU A 118 15.56 15.25 -12.27
N THR A 119 15.73 16.43 -11.67
CA THR A 119 17.03 16.87 -11.23
C THR A 119 17.02 17.04 -9.72
N ASN A 120 18.19 16.88 -9.14
CA ASN A 120 18.34 16.85 -7.69
C ASN A 120 18.95 18.17 -7.23
N PRO A 121 18.18 19.04 -6.59
CA PRO A 121 18.75 20.30 -6.07
C PRO A 121 19.94 20.10 -5.15
N TRP A 122 20.00 18.98 -4.43
CA TRP A 122 21.14 18.79 -3.54
C TRP A 122 22.35 18.22 -4.23
N ASN A 123 22.30 18.02 -5.56
CA ASN A 123 23.48 17.66 -6.35
C ASN A 123 23.55 18.54 -7.58
N GLU A 124 23.50 19.86 -7.35
CA GLU A 124 23.73 20.87 -8.38
C GLU A 124 22.74 20.72 -9.53
N HIS A 125 21.54 20.19 -9.23
CA HIS A 125 20.50 19.96 -10.23
C HIS A 125 20.96 19.09 -11.37
N LYS A 126 21.92 18.21 -11.08
CA LYS A 126 22.25 17.17 -12.01
C LYS A 126 21.10 16.16 -12.06
N PRO A 127 20.99 15.40 -13.15
CA PRO A 127 19.94 14.39 -13.20
C PRO A 127 20.06 13.44 -12.01
N VAL A 128 18.89 13.06 -11.47
CA VAL A 128 18.85 12.34 -10.20
C VAL A 128 19.60 11.02 -10.27
N LYS A 129 19.73 10.42 -11.47
CA LYS A 129 20.56 9.22 -11.59
C LYS A 129 22.02 9.49 -11.23
N ILE A 130 22.49 10.74 -11.27
CA ILE A 130 23.88 11.04 -10.98
C ILE A 130 24.04 11.34 -9.50
N GLY A 131 25.00 10.69 -8.89
CA GLY A 131 25.28 10.92 -7.49
C GLY A 131 26.11 9.80 -6.91
N ARG A 132 26.87 10.12 -5.86
CA ARG A 132 27.64 9.14 -5.14
C ARG A 132 26.72 8.33 -4.23
N ASP A 133 27.20 7.16 -3.84
CA ASP A 133 26.55 6.38 -2.81
C ASP A 133 26.28 7.25 -1.59
N GLY A 134 25.02 7.33 -1.18
CA GLY A 134 24.63 8.11 -0.02
C GLY A 134 24.14 9.51 -0.30
N GLN A 135 24.16 9.95 -1.55
CA GLN A 135 23.71 11.29 -1.88
C GLN A 135 22.24 11.50 -1.52
N GLU A 136 21.94 12.55 -0.75
CA GLU A 136 20.54 12.82 -0.45
C GLU A 136 19.82 13.42 -1.65
N ILE A 137 18.57 13.02 -1.83
CA ILE A 137 17.70 13.54 -2.88
C ILE A 137 16.63 14.39 -2.21
N GLU A 138 16.48 15.63 -2.68
CA GLU A 138 15.49 16.55 -2.13
C GLU A 138 14.07 15.98 -2.28
N LEU A 139 13.19 16.42 -1.36
CA LEU A 139 11.87 15.82 -1.18
C LEU A 139 11.07 15.70 -2.47
N GLU A 140 10.97 16.79 -3.25
CA GLU A 140 10.08 16.76 -4.41
C GLU A 140 10.64 15.90 -5.52
N CYS A 141 11.95 15.96 -5.75
CA CYS A 141 12.60 15.07 -6.70
C CYS A 141 12.47 13.61 -6.28
N GLY A 142 12.76 13.33 -5.01
CA GLY A 142 12.65 11.96 -4.53
C GLY A 142 11.24 11.41 -4.62
N THR A 143 10.25 12.22 -4.23
CA THR A 143 8.86 11.78 -4.33
C THR A 143 8.49 11.45 -5.77
N GLN A 144 8.85 12.33 -6.71
CA GLN A 144 8.48 12.10 -8.10
C GLN A 144 9.22 10.89 -8.66
N LEU A 145 10.50 10.71 -8.27
CA LEU A 145 11.25 9.53 -8.71
C LEU A 145 10.58 8.24 -8.25
N CYS A 146 10.19 8.18 -6.99
CA CYS A 146 9.56 6.95 -6.49
C CYS A 146 8.25 6.67 -7.21
N LEU A 147 7.49 7.73 -7.51
CA LEU A 147 6.21 7.56 -8.20
C LEU A 147 6.38 7.11 -9.65
N LEU A 148 7.57 7.22 -10.22
CA LEU A 148 7.84 6.75 -11.57
C LEU A 148 7.99 5.24 -11.65
N PHE A 149 8.35 4.59 -10.54
CA PHE A 149 8.56 3.16 -10.57
C PHE A 149 7.25 2.44 -10.92
N PRO A 150 7.33 1.32 -11.62
CA PRO A 150 6.15 0.48 -11.81
C PRO A 150 5.59 0.08 -10.45
N PRO A 151 4.26 0.04 -10.29
CA PRO A 151 3.70 -0.47 -9.03
C PRO A 151 4.14 -1.91 -8.79
N ASP A 152 4.46 -2.20 -7.53
CA ASP A 152 4.86 -3.55 -7.11
C ASP A 152 3.68 -4.16 -6.38
N GLU A 153 2.87 -4.92 -7.11
CA GLU A 153 1.64 -5.47 -6.55
C GLU A 153 1.90 -6.59 -5.56
N SER A 154 3.14 -7.03 -5.39
CA SER A 154 3.43 -8.06 -4.40
C SER A 154 3.64 -7.47 -3.01
N ILE A 155 3.57 -6.16 -2.84
CA ILE A 155 3.90 -5.51 -1.58
C ILE A 155 2.66 -4.82 -1.04
N ASP A 156 2.35 -5.08 0.23
CA ASP A 156 1.21 -4.47 0.89
C ASP A 156 1.75 -3.39 1.82
N LEU A 157 1.48 -2.12 1.48
CA LEU A 157 2.05 -1.03 2.26
C LEU A 157 1.39 -0.85 3.62
N TYR A 158 0.39 -1.67 3.96
CA TYR A 158 -0.31 -1.52 5.22
C TYR A 158 0.63 -1.67 6.42
N GLN A 159 1.46 -2.72 6.42
CA GLN A 159 2.35 -2.94 7.55
C GLN A 159 3.41 -1.84 7.64
N VAL A 160 3.86 -1.33 6.49
CA VAL A 160 4.83 -0.24 6.48
C VAL A 160 4.25 0.99 7.18
N ILE A 161 3.00 1.32 6.86
CA ILE A 161 2.35 2.47 7.49
C ILE A 161 2.27 2.31 9.01
N HIS A 162 2.13 1.08 9.48
CA HIS A 162 2.07 0.88 10.93
C HIS A 162 3.44 1.08 11.59
N LYS A 163 4.53 0.81 10.87
CA LYS A 163 5.86 1.04 11.43
C LYS A 163 6.06 2.52 11.74
N MET A 164 5.49 3.39 10.91
CA MET A 164 5.50 4.83 11.15
C MET A 164 4.73 5.19 12.41
N GLY B 1 -26.08 0.48 21.28
CA GLY B 1 -26.27 -0.83 20.69
C GLY B 1 -25.19 -1.21 19.69
N THR B 2 -24.02 -0.60 19.86
CA THR B 2 -22.91 -0.75 18.92
C THR B 2 -21.88 -1.78 19.36
N SER B 3 -22.08 -2.44 20.52
CA SER B 3 -21.08 -3.39 21.00
C SER B 3 -20.74 -4.44 19.95
N LYS B 4 -21.75 -5.00 19.31
CA LYS B 4 -21.50 -6.06 18.34
C LYS B 4 -20.77 -5.51 17.13
N LEU B 5 -21.25 -4.38 16.61
CA LEU B 5 -20.62 -3.78 15.45
C LEU B 5 -19.19 -3.35 15.76
N LYS B 6 -18.97 -2.77 16.95
CA LYS B 6 -17.61 -2.35 17.25
C LYS B 6 -16.67 -3.55 17.35
N TYR B 7 -17.19 -4.70 17.81
CA TYR B 7 -16.40 -5.91 17.84
C TYR B 7 -16.02 -6.38 16.43
N VAL B 8 -16.96 -6.29 15.49
CA VAL B 8 -16.67 -6.72 14.12
C VAL B 8 -15.61 -5.83 13.50
N LEU B 9 -15.64 -4.55 13.84
CA LEU B 9 -14.76 -3.57 13.22
C LEU B 9 -13.42 -3.41 13.92
N GLN B 10 -13.22 -4.07 15.06
CA GLN B 10 -11.95 -3.96 15.74
C GLN B 10 -10.84 -4.51 14.85
N ASP B 11 -9.79 -3.71 14.65
CA ASP B 11 -8.63 -4.09 13.84
C ASP B 11 -9.01 -4.36 12.39
N ALA B 12 -10.09 -3.77 11.91
CA ALA B 12 -10.49 -4.02 10.52
C ALA B 12 -9.63 -3.22 9.54
N ARG B 13 -9.58 -3.70 8.31
CA ARG B 13 -9.15 -2.86 7.19
C ARG B 13 -10.37 -2.52 6.37
N PHE B 14 -10.36 -1.34 5.77
CA PHE B 14 -11.53 -0.78 5.12
C PHE B 14 -11.19 -0.40 3.69
N PHE B 15 -12.07 -0.78 2.77
CA PHE B 15 -11.87 -0.41 1.37
C PHE B 15 -13.13 0.20 0.78
N LEU B 16 -12.95 1.31 0.08
CA LEU B 16 -14.03 1.91 -0.69
C LEU B 16 -14.25 1.10 -1.97
N ILE B 17 -15.50 0.74 -2.24
CA ILE B 17 -15.89 0.04 -3.46
C ILE B 17 -16.75 1.00 -4.27
N LYS B 18 -16.34 1.28 -5.51
CA LYS B 18 -17.15 2.11 -6.40
C LYS B 18 -17.70 1.19 -7.48
N SER B 19 -19.02 1.18 -7.63
CA SER B 19 -19.65 0.39 -8.68
C SER B 19 -20.17 1.31 -9.77
N ASN B 20 -20.02 0.90 -11.03
CA ASN B 20 -20.48 1.77 -12.08
C ASN B 20 -21.97 1.64 -12.39
N ASN B 21 -22.66 0.65 -11.79
CA ASN B 21 -24.11 0.62 -11.90
C ASN B 21 -24.73 0.21 -10.57
N HIS B 22 -26.04 0.40 -10.50
CA HIS B 22 -26.80 -0.04 -9.34
C HIS B 22 -27.05 -1.54 -9.37
N GLU B 23 -27.19 -2.13 -10.56
CA GLU B 23 -27.65 -3.52 -10.67
C GLU B 23 -26.69 -4.48 -9.99
N ASN B 24 -25.38 -4.27 -10.15
CA ASN B 24 -24.44 -5.20 -9.57
C ASN B 24 -24.42 -5.09 -8.05
N VAL B 25 -24.71 -3.91 -7.50
CA VAL B 25 -24.80 -3.80 -6.05
C VAL B 25 -26.07 -4.48 -5.56
N SER B 26 -27.18 -4.37 -6.30
CA SER B 26 -28.38 -5.10 -5.90
C SER B 26 -28.18 -6.60 -5.96
N LEU B 27 -27.51 -7.07 -7.03
CA LEU B 27 -27.17 -8.48 -7.11
C LEU B 27 -26.33 -8.89 -5.91
N ALA B 28 -25.30 -8.10 -5.61
CA ALA B 28 -24.37 -8.44 -4.54
C ALA B 28 -25.05 -8.44 -3.18
N LYS B 29 -25.99 -7.52 -2.97
CA LYS B 29 -26.70 -7.46 -1.69
C LYS B 29 -27.50 -8.71 -1.42
N ALA B 30 -28.05 -9.30 -2.48
CA ALA B 30 -28.93 -10.44 -2.28
C ALA B 30 -28.15 -11.73 -2.18
N LYS B 31 -27.06 -11.84 -2.94
CA LYS B 31 -26.35 -13.10 -3.08
C LYS B 31 -25.12 -13.19 -2.18
N GLY B 32 -24.62 -12.05 -1.70
CA GLY B 32 -23.47 -12.07 -0.81
C GLY B 32 -22.17 -12.38 -1.53
N VAL B 33 -21.97 -11.77 -2.68
CA VAL B 33 -20.75 -11.92 -3.48
C VAL B 33 -20.32 -10.56 -4.01
N TRP B 34 -19.02 -10.44 -4.28
CA TRP B 34 -18.50 -9.27 -4.96
C TRP B 34 -17.31 -9.68 -5.81
N SER B 35 -17.16 -8.97 -6.90
CA SER B 35 -16.03 -9.07 -7.80
C SER B 35 -15.53 -7.67 -8.13
N THR B 36 -14.22 -7.56 -8.33
CA THR B 36 -13.58 -6.28 -8.63
C THR B 36 -12.50 -6.48 -9.66
N LEU B 37 -11.87 -5.37 -10.08
CA LEU B 37 -10.80 -5.44 -11.07
C LEU B 37 -9.58 -6.13 -10.47
N PRO B 38 -8.69 -6.67 -11.31
CA PRO B 38 -7.59 -7.48 -10.76
C PRO B 38 -6.69 -6.76 -9.78
N VAL B 39 -6.36 -5.49 -10.01
CA VAL B 39 -5.47 -4.79 -9.08
C VAL B 39 -6.08 -4.73 -7.69
N ASN B 40 -7.38 -4.40 -7.61
CA ASN B 40 -8.08 -4.45 -6.33
C ASN B 40 -8.28 -5.87 -5.84
N GLU B 41 -8.49 -6.83 -6.74
CA GLU B 41 -8.61 -8.22 -6.31
C GLU B 41 -7.38 -8.66 -5.53
N LYS B 42 -6.19 -8.32 -6.02
CA LYS B 42 -4.96 -8.64 -5.31
C LYS B 42 -4.92 -7.97 -3.95
N LYS B 43 -5.25 -6.67 -3.91
CA LYS B 43 -5.21 -5.94 -2.65
C LYS B 43 -6.13 -6.56 -1.61
N LEU B 44 -7.33 -6.97 -2.03
CA LEU B 44 -8.26 -7.52 -1.06
C LEU B 44 -7.85 -8.91 -0.60
N ASN B 45 -7.26 -9.71 -1.50
CA ASN B 45 -6.78 -11.03 -1.07
C ASN B 45 -5.66 -10.89 -0.05
N LEU B 46 -4.71 -9.97 -0.27
CA LEU B 46 -3.68 -9.72 0.73
C LEU B 46 -4.29 -9.27 2.04
N ALA B 47 -5.25 -8.35 1.99
CA ALA B 47 -5.87 -7.86 3.21
C ALA B 47 -6.64 -8.95 3.92
N PHE B 48 -7.24 -9.88 3.16
CA PHE B 48 -8.04 -10.91 3.82
C PHE B 48 -7.17 -11.86 4.65
N ARG B 49 -6.00 -12.24 4.14
CA ARG B 49 -5.15 -13.16 4.89
C ARG B 49 -4.45 -12.52 6.07
N SER B 50 -4.36 -11.19 6.12
CA SER B 50 -3.62 -10.51 7.16
C SER B 50 -4.48 -9.84 8.22
N ALA B 51 -5.71 -9.45 7.90
CA ALA B 51 -6.54 -8.65 8.78
C ALA B 51 -7.61 -9.49 9.47
N ARG B 52 -7.99 -9.07 10.68
CA ARG B 52 -9.06 -9.77 11.39
C ARG B 52 -10.38 -9.64 10.65
N SER B 53 -10.61 -8.49 10.01
CA SER B 53 -11.80 -8.23 9.21
C SER B 53 -11.39 -7.32 8.06
N VAL B 54 -12.00 -7.55 6.91
CA VAL B 54 -11.85 -6.65 5.75
C VAL B 54 -13.24 -6.19 5.38
N ILE B 55 -13.46 -4.88 5.45
CA ILE B 55 -14.76 -4.25 5.26
C ILE B 55 -14.75 -3.55 3.91
N LEU B 56 -15.75 -3.84 3.09
CA LEU B 56 -15.99 -3.14 1.83
C LEU B 56 -17.14 -2.17 2.04
N ILE B 57 -16.91 -0.89 1.75
CA ILE B 57 -17.93 0.14 1.86
C ILE B 57 -18.31 0.58 0.44
N PHE B 58 -19.58 0.40 0.09
CA PHE B 58 -20.03 0.49 -1.30
C PHE B 58 -20.60 1.86 -1.64
N SER B 59 -20.24 2.39 -2.80
CA SER B 59 -20.85 3.60 -3.34
C SER B 59 -21.00 3.44 -4.85
N VAL B 60 -22.22 3.56 -5.32
CA VAL B 60 -22.49 3.51 -6.77
C VAL B 60 -22.13 4.86 -7.37
N ARG B 61 -21.35 4.83 -8.44
CA ARG B 61 -20.91 6.05 -9.12
C ARG B 61 -22.09 6.98 -9.39
N GLU B 62 -21.91 8.24 -9.01
CA GLU B 62 -22.84 9.36 -9.20
C GLU B 62 -24.10 9.26 -8.36
N SER B 63 -24.20 8.30 -7.43
CA SER B 63 -25.41 8.21 -6.64
C SER B 63 -25.44 9.21 -5.50
N GLY B 64 -24.30 9.79 -5.13
CA GLY B 64 -24.23 10.71 -4.01
C GLY B 64 -24.38 10.05 -2.66
N LYS B 65 -24.25 8.72 -2.60
CA LYS B 65 -24.49 7.97 -1.37
C LYS B 65 -23.60 6.76 -1.30
N PHE B 66 -23.45 6.23 -0.08
CA PHE B 66 -23.02 4.86 0.11
C PHE B 66 -24.25 3.97 0.18
N GLN B 67 -24.13 2.76 -0.37
CA GLN B 67 -25.26 1.84 -0.35
C GLN B 67 -25.16 0.77 0.73
N GLY B 68 -24.07 0.76 1.50
CA GLY B 68 -23.97 -0.22 2.57
C GLY B 68 -22.55 -0.71 2.73
N PHE B 69 -22.33 -1.68 3.61
CA PHE B 69 -20.99 -2.21 3.79
C PHE B 69 -21.08 -3.67 4.18
N ALA B 70 -20.01 -4.39 3.87
CA ALA B 70 -19.98 -5.83 4.05
C ALA B 70 -18.58 -6.26 4.47
N ARG B 71 -18.49 -7.45 5.04
CA ARG B 71 -17.23 -8.05 5.44
C ARG B 71 -16.90 -9.21 4.51
N LEU B 72 -15.66 -9.22 3.99
CA LEU B 72 -15.18 -10.38 3.26
C LEU B 72 -15.24 -11.63 4.13
N SER B 73 -15.82 -12.71 3.59
CA SER B 73 -15.78 -13.99 4.28
C SER B 73 -14.87 -14.99 3.60
N SER B 74 -14.32 -14.65 2.44
CA SER B 74 -13.40 -15.51 1.71
C SER B 74 -12.45 -14.66 0.89
N GLU B 75 -11.33 -15.28 0.50
CA GLU B 75 -10.51 -14.80 -0.59
C GLU B 75 -11.30 -14.92 -1.90
N SER B 76 -10.79 -14.29 -2.95
CA SER B 76 -11.41 -14.49 -4.25
C SER B 76 -11.21 -15.94 -4.71
N HIS B 77 -12.21 -16.45 -5.42
CA HIS B 77 -12.20 -17.83 -5.88
C HIS B 77 -12.68 -17.82 -7.32
N HIS B 78 -11.97 -18.53 -8.19
CA HIS B 78 -12.33 -18.65 -9.59
C HIS B 78 -12.96 -20.01 -9.88
N GLY B 79 -13.64 -20.10 -11.02
CA GLY B 79 -14.20 -21.34 -11.48
C GLY B 79 -15.46 -21.80 -10.76
N GLY B 80 -15.98 -21.01 -9.82
CA GLY B 80 -17.23 -21.34 -9.16
C GLY B 80 -18.41 -21.07 -10.08
N SER B 81 -19.59 -21.03 -9.46
CA SER B 81 -20.80 -20.73 -10.21
C SER B 81 -20.70 -19.34 -10.82
N PRO B 82 -20.77 -19.20 -12.15
CA PRO B 82 -20.59 -17.89 -12.77
C PRO B 82 -21.59 -16.85 -12.29
N ILE B 83 -21.12 -15.84 -11.57
CA ILE B 83 -21.97 -14.67 -11.30
C ILE B 83 -22.15 -13.89 -12.59
N HIS B 84 -23.39 -13.62 -12.95
CA HIS B 84 -23.71 -12.94 -14.20
C HIS B 84 -23.89 -11.45 -13.95
N TRP B 85 -22.78 -10.82 -13.58
CA TRP B 85 -22.77 -9.37 -13.42
C TRP B 85 -23.31 -8.68 -14.65
N VAL B 86 -23.91 -7.51 -14.43
CA VAL B 86 -24.20 -6.58 -15.50
C VAL B 86 -22.91 -5.84 -15.81
N LEU B 87 -22.34 -6.10 -17.00
CA LEU B 87 -21.01 -5.60 -17.31
C LEU B 87 -21.10 -4.24 -17.98
N PRO B 88 -20.46 -3.21 -17.44
CA PRO B 88 -20.36 -1.94 -18.17
C PRO B 88 -19.36 -2.07 -19.32
N ALA B 89 -19.50 -1.15 -20.28
CA ALA B 89 -18.65 -1.17 -21.46
C ALA B 89 -17.18 -1.12 -21.07
N GLY B 90 -16.38 -2.00 -21.68
CA GLY B 90 -14.98 -2.11 -21.37
C GLY B 90 -14.64 -3.09 -20.26
N MET B 91 -15.64 -3.71 -19.63
CA MET B 91 -15.43 -4.63 -18.52
C MET B 91 -15.96 -6.00 -18.90
N SER B 92 -15.08 -6.99 -18.91
CA SER B 92 -15.40 -8.34 -19.31
C SER B 92 -15.57 -9.23 -18.09
N ALA B 93 -16.21 -10.38 -18.31
CA ALA B 93 -16.40 -11.35 -17.24
C ALA B 93 -15.07 -11.84 -16.71
N LYS B 94 -14.07 -11.98 -17.59
CA LYS B 94 -12.75 -12.40 -17.15
C LYS B 94 -12.11 -11.39 -16.23
N MET B 95 -12.36 -10.09 -16.48
CA MET B 95 -11.80 -9.06 -15.62
C MET B 95 -12.45 -9.04 -14.24
N LEU B 96 -13.66 -9.57 -14.12
CA LEU B 96 -14.37 -9.65 -12.85
C LEU B 96 -14.47 -11.09 -12.36
N GLY B 97 -13.48 -11.92 -12.72
CA GLY B 97 -13.63 -13.36 -12.57
C GLY B 97 -13.53 -13.86 -11.15
N GLY B 98 -12.69 -13.23 -10.32
CA GLY B 98 -12.56 -13.68 -8.95
C GLY B 98 -13.79 -13.28 -8.15
N VAL B 99 -14.32 -14.22 -7.37
CA VAL B 99 -15.56 -13.99 -6.64
C VAL B 99 -15.25 -14.06 -5.15
N PHE B 100 -15.50 -12.94 -4.46
CA PHE B 100 -15.41 -12.87 -3.01
C PHE B 100 -16.78 -13.18 -2.41
N LYS B 101 -16.81 -14.05 -1.41
CA LYS B 101 -18.01 -14.16 -0.57
C LYS B 101 -17.96 -13.03 0.45
N ILE B 102 -19.10 -12.37 0.65
CA ILE B 102 -19.17 -11.26 1.60
C ILE B 102 -20.43 -11.44 2.44
N ASP B 103 -20.35 -10.98 3.68
CA ASP B 103 -21.48 -10.93 4.59
C ASP B 103 -21.82 -9.46 4.80
N TRP B 104 -23.01 -9.07 4.37
CA TRP B 104 -23.42 -7.67 4.53
C TRP B 104 -23.63 -7.36 6.00
N ILE B 105 -23.17 -6.17 6.40
CA ILE B 105 -23.38 -5.70 7.76
C ILE B 105 -24.49 -4.67 7.76
N CYS B 106 -24.57 -3.91 6.67
CA CYS B 106 -25.61 -2.91 6.50
C CYS B 106 -25.92 -2.78 5.02
N ARG B 107 -27.19 -2.86 4.65
CA ARG B 107 -27.60 -2.69 3.28
C ARG B 107 -28.39 -1.40 3.10
N ARG B 108 -28.38 -0.53 4.10
CA ARG B 108 -29.08 0.74 4.03
C ARG B 108 -28.16 1.84 3.56
N GLU B 109 -28.77 2.87 2.99
CA GLU B 109 -28.03 3.95 2.38
C GLU B 109 -27.53 4.95 3.41
N LEU B 110 -26.41 5.56 3.08
CA LEU B 110 -25.88 6.70 3.82
C LEU B 110 -25.54 7.79 2.81
N PRO B 111 -26.26 8.89 2.80
CA PRO B 111 -25.94 9.96 1.85
C PRO B 111 -24.61 10.60 2.21
N PHE B 112 -23.89 11.05 1.18
CA PHE B 112 -22.61 11.70 1.39
C PHE B 112 -22.72 12.89 2.33
N THR B 113 -23.93 13.48 2.44
CA THR B 113 -24.10 14.62 3.32
C THR B 113 -23.95 14.26 4.78
N LYS B 114 -24.14 12.99 5.14
CA LYS B 114 -24.00 12.58 6.52
C LYS B 114 -22.57 12.19 6.89
N SER B 115 -21.66 12.13 5.93
CA SER B 115 -20.27 11.79 6.18
C SER B 115 -19.32 12.94 5.84
N ALA B 116 -19.85 14.13 5.60
CA ALA B 116 -19.04 15.26 5.12
C ALA B 116 -17.94 15.67 6.11
N HIS B 117 -18.05 15.28 7.38
CA HIS B 117 -17.09 15.63 8.42
C HIS B 117 -15.95 14.64 8.55
N LEU B 118 -15.94 13.56 7.79
CA LEU B 118 -14.93 12.52 7.90
C LEU B 118 -13.96 12.61 6.74
N THR B 119 -12.67 12.62 7.05
CA THR B 119 -11.62 12.69 6.06
C THR B 119 -10.69 11.49 6.21
N ASN B 120 -10.19 11.01 5.07
CA ASN B 120 -9.36 9.81 5.02
C ASN B 120 -7.89 10.18 4.95
N PRO B 121 -7.12 10.00 6.04
CA PRO B 121 -5.69 10.37 6.02
C PRO B 121 -4.88 9.67 4.95
N TRP B 122 -5.31 8.48 4.51
CA TRP B 122 -4.62 7.72 3.49
C TRP B 122 -5.06 8.10 2.08
N ASN B 123 -5.93 9.12 1.95
CA ASN B 123 -6.22 9.75 0.67
C ASN B 123 -6.08 11.27 0.83
N GLU B 124 -4.89 11.68 1.29
CA GLU B 124 -4.51 13.09 1.40
C GLU B 124 -5.50 13.89 2.24
N HIS B 125 -6.16 13.24 3.20
CA HIS B 125 -7.07 13.90 4.14
C HIS B 125 -8.27 14.50 3.43
N LYS B 126 -8.65 13.93 2.27
CA LYS B 126 -9.83 14.31 1.52
C LYS B 126 -11.07 13.67 2.16
N PRO B 127 -12.25 14.29 2.00
CA PRO B 127 -13.46 13.68 2.54
C PRO B 127 -13.61 12.25 2.03
N VAL B 128 -14.07 11.38 2.92
CA VAL B 128 -13.97 9.94 2.69
C VAL B 128 -14.83 9.51 1.51
N LYS B 129 -15.88 10.27 1.17
CA LYS B 129 -16.66 9.97 -0.03
C LYS B 129 -15.81 10.04 -1.29
N ILE B 130 -14.71 10.80 -1.28
CA ILE B 130 -13.85 10.90 -2.45
C ILE B 130 -12.85 9.76 -2.46
N GLY B 131 -12.81 9.02 -3.55
CA GLY B 131 -11.86 7.96 -3.68
C GLY B 131 -12.15 7.09 -4.87
N ARG B 132 -11.15 6.37 -5.34
CA ARG B 132 -11.30 5.45 -6.45
C ARG B 132 -11.76 4.10 -5.93
N ASP B 133 -12.29 3.30 -6.84
CA ASP B 133 -12.58 1.91 -6.55
C ASP B 133 -11.37 1.24 -5.91
N GLY B 134 -11.55 0.68 -4.71
CA GLY B 134 -10.49 0.03 -4.01
C GLY B 134 -9.66 0.90 -3.10
N GLN B 135 -9.97 2.19 -2.98
CA GLN B 135 -9.19 3.08 -2.12
C GLN B 135 -9.24 2.59 -0.68
N GLU B 136 -8.08 2.41 -0.05
CA GLU B 136 -8.10 1.96 1.34
C GLU B 136 -8.38 3.12 2.28
N ILE B 137 -9.19 2.86 3.29
CA ILE B 137 -9.57 3.88 4.27
C ILE B 137 -8.90 3.55 5.59
N GLU B 138 -8.23 4.54 6.17
CA GLU B 138 -7.56 4.37 7.46
C GLU B 138 -8.56 3.90 8.51
N LEU B 139 -8.05 3.15 9.49
CA LEU B 139 -8.88 2.42 10.47
C LEU B 139 -9.91 3.32 11.16
N GLU B 140 -9.46 4.44 11.77
CA GLU B 140 -10.43 5.21 12.55
C GLU B 140 -11.44 5.93 11.65
N CYS B 141 -11.03 6.38 10.47
CA CYS B 141 -11.99 6.96 9.53
C CYS B 141 -13.00 5.92 9.08
N GLY B 142 -12.53 4.72 8.75
CA GLY B 142 -13.44 3.70 8.27
C GLY B 142 -14.40 3.25 9.34
N THR B 143 -13.91 3.15 10.59
CA THR B 143 -14.75 2.77 11.71
C THR B 143 -15.85 3.79 11.94
N GLN B 144 -15.50 5.08 11.96
CA GLN B 144 -16.54 6.08 12.17
C GLN B 144 -17.50 6.15 10.99
N LEU B 145 -17.00 5.94 9.77
CA LEU B 145 -17.90 5.91 8.62
C LEU B 145 -18.91 4.77 8.76
N CYS B 146 -18.45 3.59 9.14
CA CYS B 146 -19.39 2.48 9.29
C CYS B 146 -20.39 2.78 10.40
N LEU B 147 -19.95 3.47 11.46
CA LEU B 147 -20.85 3.74 12.58
C LEU B 147 -21.94 4.73 12.21
N LEU B 148 -21.76 5.52 11.15
CA LEU B 148 -22.77 6.45 10.68
C LEU B 148 -23.98 5.77 10.06
N PHE B 149 -23.83 4.56 9.56
CA PHE B 149 -24.95 3.94 8.88
C PHE B 149 -26.09 3.62 9.86
N PRO B 150 -27.33 3.69 9.40
CA PRO B 150 -28.45 3.32 10.26
C PRO B 150 -28.46 1.84 10.53
N PRO B 151 -29.02 1.41 11.65
CA PRO B 151 -29.16 -0.03 11.92
C PRO B 151 -29.97 -0.71 10.83
N ASP B 152 -29.55 -1.91 10.46
CA ASP B 152 -30.23 -2.66 9.42
C ASP B 152 -30.89 -3.86 10.06
N GLU B 153 -32.22 -3.83 10.13
CA GLU B 153 -33.02 -4.87 10.77
C GLU B 153 -33.10 -6.16 9.95
N SER B 154 -32.73 -6.13 8.67
CA SER B 154 -32.69 -7.35 7.87
C SER B 154 -31.45 -8.18 8.16
N ILE B 155 -30.49 -7.64 8.90
CA ILE B 155 -29.16 -8.23 9.06
C ILE B 155 -29.05 -8.79 10.48
N ASP B 156 -28.48 -9.99 10.59
CA ASP B 156 -28.18 -10.64 11.87
C ASP B 156 -26.67 -10.76 11.95
N LEU B 157 -26.04 -10.03 12.88
CA LEU B 157 -24.58 -10.07 12.99
C LEU B 157 -24.06 -11.39 13.53
N TYR B 158 -24.93 -12.30 13.96
CA TYR B 158 -24.49 -13.52 14.60
C TYR B 158 -23.55 -14.35 13.72
N GLN B 159 -23.95 -14.58 12.46
CA GLN B 159 -23.14 -15.39 11.55
C GLN B 159 -21.75 -14.79 11.36
N VAL B 160 -21.67 -13.46 11.22
CA VAL B 160 -20.37 -12.81 11.08
C VAL B 160 -19.52 -13.01 12.32
N ILE B 161 -20.11 -12.75 13.49
CA ILE B 161 -19.34 -12.82 14.73
C ILE B 161 -18.78 -14.22 14.94
N HIS B 162 -19.49 -15.25 14.49
CA HIS B 162 -18.97 -16.61 14.63
C HIS B 162 -18.05 -17.03 13.48
N LYS B 163 -17.90 -16.20 12.46
CA LYS B 163 -16.85 -16.40 11.46
C LYS B 163 -15.51 -15.82 11.89
N MET B 164 -15.48 -15.05 12.97
CA MET B 164 -14.27 -14.42 13.44
C MET B 164 -13.64 -15.23 14.57
C10 ITJ C . 26.05 -4.07 1.01
C01 ITJ C . 29.32 1.37 -3.15
C02 ITJ C . 28.55 0.68 -2.03
C03 ITJ C . 28.33 -0.69 -1.96
C07 ITJ C . 27.60 -0.96 -0.84
C08 ITJ C . 27.21 -2.41 -0.51
C12 ITJ C . 28.36 -3.14 -2.56
N04 ITJ C . 28.72 -1.78 -2.89
N05 ITJ C . 27.97 1.21 -0.96
N06 ITJ C . 27.37 0.20 -0.20
N09 ITJ C . 26.45 -2.71 0.68
N11 ITJ C . 27.60 -3.45 -1.38
CL13 ITJ C . 28.85 -4.40 -3.68
S SO4 D . -4.28 2.34 -2.30
O1 SO4 D . -2.99 2.54 -1.66
O2 SO4 D . -5.36 2.30 -1.32
O3 SO4 D . -4.20 1.09 -3.07
O4 SO4 D . -4.49 3.47 -3.22
S SO4 E . 24.29 15.54 0.61
O1 SO4 E . 24.42 15.90 2.03
O2 SO4 E . 25.60 15.66 -0.04
O3 SO4 E . 23.80 14.17 0.45
O4 SO4 E . 23.35 16.47 -0.01
S SO4 F . 30.61 6.02 -4.52
O1 SO4 F . 30.49 6.53 -3.16
O2 SO4 F . 30.68 4.55 -4.27
O3 SO4 F . 29.47 6.15 -5.46
O4 SO4 F . 31.75 6.63 -5.22
S SO4 G . 24.85 -1.90 17.82
O1 SO4 G . 23.56 -1.49 18.52
O2 SO4 G . 25.72 -1.96 19.02
O3 SO4 G . 24.61 -3.29 17.36
O4 SO4 G . 25.53 -0.94 16.97
C10 ITJ H . -19.17 -6.47 -9.87
C01 ITJ H . -15.66 0.14 -10.94
C02 ITJ H . -15.97 -1.29 -10.53
C03 ITJ H . -17.13 -1.98 -10.82
C07 ITJ H . -17.03 -3.23 -10.29
C08 ITJ H . -18.18 -4.23 -10.43
C12 ITJ H . -19.43 -2.53 -11.70
N04 ITJ H . -18.36 -1.56 -11.57
N05 ITJ H . -15.19 -2.11 -9.82
N06 ITJ H . -15.84 -3.33 -9.66
N09 ITJ H . -18.04 -5.55 -9.88
N11 ITJ H . -19.34 -3.85 -11.15
CL13 ITJ H . -20.87 -2.03 -12.59
S SO4 I . -32.63 2.31 2.94
O1 SO4 I . -32.39 2.96 4.24
O2 SO4 I . -32.90 0.88 3.14
O3 SO4 I . -33.77 2.94 2.30
O4 SO4 I . -31.44 2.43 2.11
S SO4 J . -11.97 3.54 -10.90
O1 SO4 J . -12.01 4.30 -9.66
O2 SO4 J . -11.02 2.43 -10.77
O3 SO4 J . -13.29 2.99 -11.18
O4 SO4 J . -11.55 4.43 -11.99
S SO4 K . -35.36 4.22 10.51
O1 SO4 K . -34.71 5.51 10.75
O2 SO4 K . -34.48 3.14 10.98
O3 SO4 K . -35.64 4.08 9.07
O4 SO4 K . -36.62 4.12 11.24
S SO4 L . -30.01 11.02 12.41
O1 SO4 L . -29.69 11.53 13.74
O2 SO4 L . -30.62 9.69 12.43
O3 SO4 L . -28.80 10.99 11.57
O4 SO4 L . -30.97 11.85 11.60
#